data_2PWQ
#
_entry.id   2PWQ
#
_cell.length_a   48.556
_cell.length_b   48.556
_cell.length_c   179.502
_cell.angle_alpha   90.00
_cell.angle_beta   90.00
_cell.angle_gamma   120.00
#
_symmetry.space_group_name_H-M   'P 31 2 1'
#
loop_
_entity.id
_entity.type
_entity.pdbx_description
1 polymer 'Ubiquitin conjugating enzyme'
2 water water
#
_entity_poly.entity_id   1
_entity_poly.type   'polypeptide(L)'
_entity_poly.pdbx_seq_one_letter_code
;MGSSHHHHHHSSGRENLYFQGSKELLRLQKELKDIENENVQEIDAHIKDSNFFEWVGFIKGPEGTPYEGGHFTLAITIPN
DYPYNPPKIKFVTKIWHPNISSQTGAICLDVLKNEWSPALTIRTALLSIQALLSDPQPDDPQDAEVAKMYKENHALFVKT
ASVWTKTFATGPKEEPREVIIKKITEMGFSEDQAKNALIKANWNETLALNTLLENS
;
_entity_poly.pdbx_strand_id   A
#
# COMPACT_ATOMS: atom_id res chain seq x y z
N PHE A 19 -14.78 -20.79 9.16
CA PHE A 19 -15.12 -20.99 7.72
C PHE A 19 -16.53 -20.51 7.40
N GLN A 20 -17.49 -21.43 7.30
CA GLN A 20 -18.81 -21.15 6.72
C GLN A 20 -19.44 -19.80 7.11
N GLY A 21 -20.11 -19.16 6.17
CA GLY A 21 -20.67 -17.82 6.37
C GLY A 21 -20.97 -17.22 5.00
N SER A 22 -21.18 -15.91 4.94
CA SER A 22 -21.56 -15.22 3.68
C SER A 22 -20.56 -15.39 2.52
N LYS A 23 -21.03 -15.03 1.32
CA LYS A 23 -20.21 -15.00 0.10
C LYS A 23 -18.99 -14.07 0.25
N GLU A 24 -19.20 -12.93 0.90
CA GLU A 24 -18.13 -11.97 1.22
C GLU A 24 -17.10 -12.58 2.16
N LEU A 25 -17.58 -13.25 3.22
CA LEU A 25 -16.68 -13.87 4.17
C LEU A 25 -15.84 -14.97 3.53
N LEU A 26 -16.47 -15.80 2.68
CA LEU A 26 -15.74 -16.87 1.99
C LEU A 26 -14.66 -16.28 1.08
N ARG A 27 -15.00 -15.19 0.39
CA ARG A 27 -14.10 -14.47 -0.51
C ARG A 27 -12.89 -13.93 0.22
N LEU A 28 -13.14 -13.20 1.30
CA LEU A 28 -12.03 -12.73 2.16
C LEU A 28 -11.17 -13.84 2.69
N GLN A 29 -11.79 -14.96 3.02
CA GLN A 29 -11.04 -16.06 3.58
C GLN A 29 -10.07 -16.62 2.55
N LYS A 30 -10.56 -16.73 1.31
CA LYS A 30 -9.75 -17.22 0.18
C LYS A 30 -8.59 -16.26 -0.11
N GLU A 31 -8.88 -14.96 -0.18
CA GLU A 31 -7.81 -13.97 -0.41
C GLU A 31 -6.67 -14.12 0.57
N LEU A 32 -7.04 -14.23 1.86
CA LEU A 32 -6.05 -14.38 2.92
C LEU A 32 -5.23 -15.64 2.83
N LYS A 33 -5.87 -16.77 2.55
CA LYS A 33 -5.13 -18.02 2.40
C LYS A 33 -4.16 -17.94 1.21
N ASP A 34 -4.59 -17.28 0.13
CA ASP A 34 -3.77 -17.20 -1.10
C ASP A 34 -2.54 -16.29 -0.88
N ILE A 35 -2.79 -15.17 -0.19
CA ILE A 35 -1.74 -14.23 0.18
C ILE A 35 -0.74 -14.97 1.00
N GLU A 36 -1.25 -15.76 1.95
CA GLU A 36 -0.45 -16.57 2.85
C GLU A 36 0.38 -17.58 2.06
N ASN A 37 -0.15 -18.02 0.93
CA ASN A 37 0.50 -19.01 0.07
C ASN A 37 1.49 -18.41 -0.94
N GLU A 38 1.27 -17.14 -1.28
CA GLU A 38 2.18 -16.37 -2.14
C GLU A 38 3.49 -15.89 -1.46
N ASN A 39 4.19 -14.96 -2.10
CA ASN A 39 5.45 -14.42 -1.56
C ASN A 39 5.22 -13.34 -0.51
N VAL A 40 5.17 -13.76 0.75
CA VAL A 40 4.82 -12.88 1.85
C VAL A 40 5.99 -11.97 2.26
N GLN A 41 7.15 -12.22 1.66
CA GLN A 41 8.30 -11.36 1.84
C GLN A 41 8.10 -10.06 1.06
N GLU A 42 7.31 -10.15 0.01
CA GLU A 42 7.01 -9.00 -0.81
C GLU A 42 5.74 -8.29 -0.40
N ILE A 43 4.67 -9.06 -0.31
CA ILE A 43 3.35 -8.55 -0.03
C ILE A 43 2.71 -9.53 0.95
N ASP A 44 2.28 -8.97 2.06
CA ASP A 44 1.56 -9.72 3.08
C ASP A 44 0.33 -8.91 3.52
N ALA A 45 -0.61 -9.60 4.16
CA ALA A 45 -1.78 -8.99 4.85
C ALA A 45 -2.40 -10.00 5.81
N HIS A 46 -2.88 -9.52 6.94
CA HIS A 46 -3.66 -10.35 7.87
C HIS A 46 -4.72 -9.46 8.51
N ILE A 47 -5.67 -10.06 9.21
CA ILE A 47 -6.69 -9.30 9.95
C ILE A 47 -6.00 -8.50 11.03
N LYS A 48 -6.42 -7.26 11.21
CA LYS A 48 -5.83 -6.38 12.20
C LYS A 48 -6.12 -6.89 13.62
N ASP A 49 -7.41 -7.00 13.93
CA ASP A 49 -7.89 -7.37 15.28
CA ASP A 49 -7.85 -7.42 15.26
C ASP A 49 -9.00 -8.43 15.15
N SER A 50 -10.26 -7.96 15.21
CA SER A 50 -11.41 -8.85 15.28
C SER A 50 -12.44 -8.64 14.16
N ASN A 51 -12.13 -7.70 13.26
CA ASN A 51 -12.97 -7.38 12.11
C ASN A 51 -12.34 -7.88 10.80
N PHE A 52 -13.03 -8.84 10.17
CA PHE A 52 -12.56 -9.47 8.94
C PHE A 52 -12.50 -8.46 7.77
N PHE A 53 -13.11 -7.30 7.98
CA PHE A 53 -13.18 -6.22 6.97
C PHE A 53 -12.12 -5.16 7.21
N GLU A 54 -11.18 -5.44 8.08
CA GLU A 54 -10.13 -4.49 8.38
C GLU A 54 -8.83 -5.24 8.47
N TRP A 55 -7.95 -5.00 7.50
CA TRP A 55 -6.66 -5.66 7.51
C TRP A 55 -5.53 -4.66 7.64
N VAL A 56 -4.40 -5.21 8.00
CA VAL A 56 -3.15 -4.55 7.99
C VAL A 56 -2.41 -5.19 6.83
N GLY A 57 -1.87 -4.37 5.92
CA GLY A 57 -1.01 -4.85 4.85
C GLY A 57 0.46 -4.51 5.04
N PHE A 58 1.32 -5.38 4.54
N PHE A 58 1.32 -5.29 4.39
CA PHE A 58 2.76 -5.14 4.44
CA PHE A 58 2.79 -5.12 4.47
C PHE A 58 3.22 -5.06 2.96
C PHE A 58 3.50 -5.19 3.11
N ILE A 59 4.01 -4.04 2.66
CA ILE A 59 4.73 -3.97 1.37
C ILE A 59 6.22 -3.78 1.60
N LYS A 60 6.99 -4.66 0.96
CA LYS A 60 8.42 -4.55 0.96
C LYS A 60 8.84 -3.42 0.03
N GLY A 61 9.68 -2.53 0.55
CA GLY A 61 10.29 -1.49 -0.26
C GLY A 61 11.21 -2.13 -1.31
N PRO A 62 10.99 -1.83 -2.59
CA PRO A 62 11.76 -2.46 -3.68
C PRO A 62 13.27 -2.17 -3.73
N GLU A 63 14.05 -3.21 -4.03
CA GLU A 63 15.49 -3.08 -4.20
C GLU A 63 15.83 -2.06 -5.29
N GLY A 64 17.02 -1.47 -5.18
CA GLY A 64 17.44 -0.36 -6.02
C GLY A 64 16.50 0.83 -6.09
N THR A 65 15.79 1.14 -4.99
CA THR A 65 14.99 2.36 -4.91
C THR A 65 15.33 3.00 -3.58
N PRO A 66 14.88 4.23 -3.37
CA PRO A 66 15.15 4.80 -2.02
C PRO A 66 14.35 4.10 -0.88
N TYR A 67 13.51 3.11 -1.24
CA TYR A 67 12.66 2.41 -0.28
C TYR A 67 13.23 1.09 0.10
N GLU A 68 14.45 0.85 -0.34
CA GLU A 68 15.05 -0.46 -0.20
C GLU A 68 15.36 -0.74 1.27
N GLY A 69 15.03 -1.94 1.75
CA GLY A 69 15.17 -2.30 3.18
C GLY A 69 14.05 -1.78 4.07
N GLY A 70 13.07 -1.12 3.46
CA GLY A 70 11.89 -0.64 4.15
C GLY A 70 10.83 -1.72 4.24
N HIS A 71 10.07 -1.66 5.32
CA HIS A 71 8.95 -2.55 5.58
C HIS A 71 7.81 -1.59 5.89
N PHE A 72 6.87 -1.53 4.97
CA PHE A 72 5.76 -0.57 5.03
C PHE A 72 4.41 -1.19 5.39
N THR A 73 3.82 -0.68 6.46
CA THR A 73 2.53 -1.11 6.96
C THR A 73 1.47 -0.22 6.38
N LEU A 74 0.36 -0.82 5.95
CA LEU A 74 -0.80 -0.10 5.42
C LEU A 74 -2.07 -0.53 6.18
N ALA A 75 -3.12 0.29 6.10
CA ALA A 75 -4.42 0.00 6.70
C ALA A 75 -5.37 -0.24 5.56
N ILE A 76 -6.02 -1.39 5.57
CA ILE A 76 -6.92 -1.81 4.48
C ILE A 76 -8.37 -1.94 4.99
N THR A 77 -9.26 -1.03 4.63
CA THR A 77 -10.63 -1.21 5.04
C THR A 77 -11.48 -1.73 3.89
N ILE A 78 -12.04 -2.92 4.07
CA ILE A 78 -12.72 -3.65 2.99
C ILE A 78 -14.21 -3.40 3.12
N PRO A 79 -14.88 -2.98 2.03
CA PRO A 79 -16.32 -2.66 2.16
C PRO A 79 -17.18 -3.91 2.33
N ASN A 80 -18.38 -3.73 2.87
CA ASN A 80 -19.29 -4.86 3.17
C ASN A 80 -19.87 -5.59 1.97
N ASP A 81 -19.79 -4.97 0.80
CA ASP A 81 -20.15 -5.58 -0.48
C ASP A 81 -18.99 -6.12 -1.32
N TYR A 82 -17.78 -6.07 -0.79
CA TYR A 82 -16.66 -6.67 -1.48
C TYR A 82 -17.04 -8.06 -2.02
N PRO A 83 -16.61 -8.44 -3.26
CA PRO A 83 -15.66 -7.80 -4.16
C PRO A 83 -16.27 -6.84 -5.19
N TYR A 84 -17.45 -6.29 -4.90
CA TYR A 84 -18.20 -5.45 -5.84
C TYR A 84 -17.82 -3.99 -5.68
N ASN A 85 -17.07 -3.69 -4.62
CA ASN A 85 -16.43 -2.37 -4.43
C ASN A 85 -14.98 -2.53 -4.01
N PRO A 86 -14.12 -1.53 -4.34
CA PRO A 86 -12.70 -1.60 -3.98
C PRO A 86 -12.42 -1.41 -2.47
N PRO A 87 -11.27 -1.94 -2.01
CA PRO A 87 -10.84 -1.61 -0.64
C PRO A 87 -10.42 -0.14 -0.57
N LYS A 88 -10.42 0.44 0.63
CA LYS A 88 -9.73 1.70 0.86
C LYS A 88 -8.39 1.35 1.50
N ILE A 89 -7.33 1.97 1.02
CA ILE A 89 -5.97 1.70 1.49
C ILE A 89 -5.24 3.03 1.77
N LYS A 90 -4.50 3.07 2.87
CA LYS A 90 -3.64 4.20 3.20
C LYS A 90 -2.41 3.65 3.90
N PHE A 91 -1.29 4.35 3.82
CA PHE A 91 -0.11 3.83 4.45
C PHE A 91 -0.25 4.15 5.93
N VAL A 92 0.35 3.33 6.79
CA VAL A 92 0.44 3.63 8.22
C VAL A 92 1.84 4.13 8.41
N THR A 93 2.80 3.36 7.87
CA THR A 93 4.21 3.73 7.95
C THR A 93 4.39 5.06 7.23
N LYS A 94 5.10 5.97 7.86
CA LYS A 94 5.38 7.27 7.28
C LYS A 94 6.41 7.09 6.17
N ILE A 95 6.25 7.85 5.09
CA ILE A 95 6.97 7.62 3.85
C ILE A 95 7.04 8.93 3.04
N TRP A 96 8.20 9.16 2.40
CA TRP A 96 8.46 10.34 1.59
C TRP A 96 8.37 9.93 0.11
N HIS A 97 7.28 10.27 -0.56
CA HIS A 97 6.93 9.83 -1.91
C HIS A 97 5.93 10.80 -2.53
N PRO A 98 6.15 11.22 -3.81
CA PRO A 98 5.25 12.23 -4.40
C PRO A 98 3.80 11.79 -4.47
N ASN A 99 3.57 10.47 -4.51
CA ASN A 99 2.22 9.98 -4.62
C ASN A 99 1.52 9.55 -3.32
N ILE A 100 2.08 9.98 -2.17
CA ILE A 100 1.59 9.57 -0.85
C ILE A 100 1.77 10.76 0.11
N SER A 101 0.71 11.12 0.83
CA SER A 101 0.78 12.20 1.83
C SER A 101 1.87 11.83 2.88
N SER A 102 2.87 12.71 2.95
CA SER A 102 3.97 12.58 3.91
C SER A 102 3.47 12.72 5.36
N GLN A 103 2.22 13.13 5.54
CA GLN A 103 1.66 13.36 6.86
C GLN A 103 0.53 12.41 7.26
N THR A 104 -0.24 11.94 6.28
CA THR A 104 -1.39 11.05 6.55
C THR A 104 -1.37 9.66 5.89
N GLY A 105 -0.41 9.45 4.98
CA GLY A 105 -0.28 8.15 4.29
C GLY A 105 -1.33 7.89 3.22
N ALA A 106 -2.16 8.88 2.94
CA ALA A 106 -3.17 8.77 1.90
C ALA A 106 -2.54 8.61 0.51
N ILE A 107 -3.20 7.85 -0.35
CA ILE A 107 -2.78 7.67 -1.75
C ILE A 107 -3.97 7.90 -2.67
N CYS A 108 -3.73 8.27 -3.92
CA CYS A 108 -4.85 8.39 -4.86
C CYS A 108 -5.22 7.04 -5.45
N LEU A 109 -6.42 6.56 -5.16
CA LEU A 109 -6.84 5.27 -5.68
C LEU A 109 -7.94 5.38 -6.74
N ASP A 110 -8.02 6.54 -7.40
CA ASP A 110 -9.00 6.79 -8.47
C ASP A 110 -8.91 5.67 -9.52
N VAL A 111 -7.70 5.30 -9.87
CA VAL A 111 -7.48 4.27 -10.87
C VAL A 111 -8.16 2.96 -10.45
N LEU A 112 -7.79 2.35 -9.32
CA LEU A 112 -8.50 1.12 -8.95
C LEU A 112 -9.98 1.31 -8.64
N LYS A 113 -10.36 2.46 -8.10
CA LYS A 113 -11.77 2.81 -7.95
C LYS A 113 -12.52 2.52 -9.26
N ASN A 114 -12.19 3.20 -10.34
CA ASN A 114 -12.96 2.97 -11.57
C ASN A 114 -12.53 1.74 -12.39
N GLU A 115 -11.39 1.15 -12.06
CA GLU A 115 -11.04 -0.14 -12.65
C GLU A 115 -11.60 -1.34 -11.87
N TRP A 116 -12.14 -1.12 -10.67
CA TRP A 116 -12.45 -2.24 -9.77
C TRP A 116 -13.49 -3.22 -10.32
N SER A 117 -13.18 -4.50 -10.19
CA SER A 117 -14.13 -5.57 -10.44
C SER A 117 -13.75 -6.76 -9.56
N PRO A 118 -14.74 -7.63 -9.25
CA PRO A 118 -14.56 -8.94 -8.62
C PRO A 118 -13.34 -9.73 -9.09
N ALA A 119 -12.77 -9.38 -10.24
CA ALA A 119 -11.58 -10.07 -10.72
C ALA A 119 -10.30 -9.61 -9.97
N LEU A 120 -10.31 -8.35 -9.54
CA LEU A 120 -9.19 -7.79 -8.82
C LEU A 120 -9.09 -8.38 -7.38
N THR A 121 -7.92 -8.28 -6.77
CA THR A 121 -7.70 -8.77 -5.42
C THR A 121 -6.88 -7.74 -4.64
N ILE A 122 -6.98 -7.86 -3.31
CA ILE A 122 -6.21 -7.00 -2.45
C ILE A 122 -4.70 -7.15 -2.68
N ARG A 123 -4.15 -8.35 -2.76
CA ARG A 123 -2.73 -8.51 -3.09
C ARG A 123 -2.36 -7.77 -4.40
N THR A 124 -3.26 -7.80 -5.38
CA THR A 124 -2.89 -7.10 -6.61
C THR A 124 -2.98 -5.55 -6.39
N ALA A 125 -3.92 -5.08 -5.58
CA ALA A 125 -3.96 -3.64 -5.19
C ALA A 125 -2.65 -3.24 -4.52
N LEU A 126 -2.18 -4.12 -3.64
CA LEU A 126 -0.93 -3.89 -2.97
C LEU A 126 0.31 -3.99 -3.87
N LEU A 127 0.33 -4.95 -4.78
CA LEU A 127 1.41 -5.04 -5.75
C LEU A 127 1.48 -3.75 -6.59
N SER A 128 0.36 -3.17 -6.91
CA SER A 128 0.41 -2.00 -7.75
C SER A 128 0.85 -0.77 -6.94
N ILE A 129 0.72 -0.83 -5.63
CA ILE A 129 1.19 0.26 -4.80
C ILE A 129 2.69 0.08 -4.70
N GLN A 130 3.16 -1.16 -4.50
CA GLN A 130 4.60 -1.37 -4.49
C GLN A 130 5.25 -0.95 -5.83
N ALA A 131 4.54 -1.17 -6.93
CA ALA A 131 5.01 -0.68 -8.25
C ALA A 131 5.20 0.83 -8.21
N LEU A 132 4.22 1.57 -7.69
CA LEU A 132 4.37 3.02 -7.44
C LEU A 132 5.66 3.40 -6.68
N LEU A 133 6.02 2.63 -5.67
CA LEU A 133 7.27 2.86 -4.92
C LEU A 133 8.47 2.82 -5.87
N SER A 134 8.45 1.80 -6.74
CA SER A 134 9.45 1.63 -7.78
C SER A 134 9.44 2.69 -8.85
N ASP A 135 8.30 3.32 -9.07
CA ASP A 135 8.17 4.15 -10.22
C ASP A 135 7.21 5.31 -9.90
N PRO A 136 7.72 6.34 -9.18
CA PRO A 136 6.83 7.43 -8.74
C PRO A 136 6.27 8.22 -9.93
N GLN A 137 5.05 8.73 -9.79
CA GLN A 137 4.32 9.44 -10.85
C GLN A 137 4.09 10.93 -10.53
N PRO A 138 5.13 11.77 -10.72
CA PRO A 138 5.16 13.16 -10.21
C PRO A 138 4.09 14.13 -10.73
N ASP A 139 3.50 13.83 -11.88
CA ASP A 139 2.47 14.68 -12.51
C ASP A 139 1.07 14.55 -11.93
N ASP A 140 0.87 13.48 -11.15
CA ASP A 140 -0.42 13.17 -10.51
C ASP A 140 -0.22 13.17 -8.98
N PRO A 141 0.18 14.32 -8.43
CA PRO A 141 0.88 14.31 -7.14
C PRO A 141 -0.09 14.25 -5.96
N GLN A 142 0.37 13.68 -4.85
CA GLN A 142 -0.44 13.61 -3.64
C GLN A 142 0.06 14.57 -2.58
N ASP A 143 1.37 14.71 -2.49
CA ASP A 143 2.01 15.60 -1.55
C ASP A 143 2.76 16.69 -2.33
N ALA A 144 2.27 17.94 -2.25
CA ALA A 144 2.86 19.07 -3.03
C ALA A 144 4.32 19.32 -2.75
N GLU A 145 4.70 19.19 -1.47
CA GLU A 145 6.08 19.45 -1.05
CA GLU A 145 6.08 19.44 -1.03
C GLU A 145 7.04 18.34 -1.51
N VAL A 146 6.59 17.08 -1.44
CA VAL A 146 7.43 15.97 -1.93
C VAL A 146 7.57 16.06 -3.44
N ALA A 147 6.47 16.39 -4.12
CA ALA A 147 6.45 16.45 -5.60
C ALA A 147 7.31 17.61 -6.14
N LYS A 148 7.22 18.76 -5.46
CA LYS A 148 8.10 19.89 -5.75
C LYS A 148 9.55 19.43 -5.66
N MET A 149 9.90 18.74 -4.57
CA MET A 149 11.27 18.31 -4.36
C MET A 149 11.68 17.28 -5.40
N TYR A 150 10.75 16.40 -5.75
CA TYR A 150 11.03 15.30 -6.66
C TYR A 150 11.44 15.88 -8.02
N LYS A 151 10.67 16.86 -8.48
CA LYS A 151 10.95 17.60 -9.71
C LYS A 151 12.12 18.61 -9.58
N GLU A 152 12.07 19.53 -8.61
CA GLU A 152 13.10 20.59 -8.47
C GLU A 152 14.51 20.17 -8.04
N ASN A 153 14.62 19.15 -7.17
CA ASN A 153 15.90 18.69 -6.65
C ASN A 153 15.72 17.23 -6.33
N HIS A 154 15.94 16.41 -7.35
CA HIS A 154 15.61 15.02 -7.30
C HIS A 154 16.65 14.27 -6.49
N ALA A 155 17.91 14.69 -6.57
CA ALA A 155 18.95 13.97 -5.85
C ALA A 155 18.72 14.13 -4.34
N LEU A 156 18.00 15.20 -3.98
CA LEU A 156 17.67 15.44 -2.56
C LEU A 156 16.50 14.56 -2.22
N PHE A 157 15.51 14.52 -3.10
CA PHE A 157 14.37 13.62 -2.93
C PHE A 157 14.84 12.22 -2.54
N VAL A 158 15.80 11.72 -3.29
CA VAL A 158 16.23 10.34 -3.11
C VAL A 158 16.78 10.24 -1.70
N LYS A 159 17.57 11.24 -1.33
CA LYS A 159 18.18 11.26 0.02
C LYS A 159 17.16 11.40 1.12
N THR A 160 16.16 12.26 0.95
CA THR A 160 15.12 12.42 1.95
C THR A 160 14.28 11.12 2.12
N ALA A 161 13.87 10.56 0.99
CA ALA A 161 13.13 9.29 0.96
C ALA A 161 13.94 8.15 1.55
N SER A 162 15.22 8.09 1.28
CA SER A 162 16.07 7.17 1.99
C SER A 162 16.20 7.37 3.55
N VAL A 163 16.39 8.61 4.03
CA VAL A 163 16.41 8.89 5.47
C VAL A 163 15.12 8.36 6.08
N TRP A 164 13.98 8.80 5.56
CA TRP A 164 12.69 8.39 6.06
C TRP A 164 12.44 6.88 6.08
N THR A 165 12.94 6.16 5.07
CA THR A 165 12.87 4.71 5.06
C THR A 165 13.66 4.07 6.21
N LYS A 166 14.86 4.58 6.41
CA LYS A 166 15.76 3.98 7.39
C LYS A 166 15.38 4.46 8.80
N THR A 167 14.56 5.50 8.88
CA THR A 167 14.05 6.03 10.16
C THR A 167 12.70 5.46 10.56
N PHE A 168 11.73 5.52 9.63
CA PHE A 168 10.32 5.19 9.90
C PHE A 168 9.86 3.79 9.48
N ALA A 169 10.62 3.15 8.60
CA ALA A 169 10.19 1.89 7.93
C ALA A 169 11.17 0.75 8.22
N THR A 170 11.73 0.81 9.42
CA THR A 170 12.69 -0.16 9.92
C THR A 170 12.05 -1.54 10.20
N GLY A 171 12.89 -2.56 10.36
CA GLY A 171 12.47 -3.96 10.59
C GLY A 171 11.27 -4.26 11.48
N PRO A 172 10.71 -5.49 11.37
CA PRO A 172 9.46 -5.91 12.04
C PRO A 172 9.51 -5.79 13.57
#